data_3USP
#
_entry.id   3USP
#
_cell.length_a   89.697
_cell.length_b   86.359
_cell.length_c   81.399
_cell.angle_alpha   90.00
_cell.angle_beta   96.15
_cell.angle_gamma   90.00
#
_symmetry.space_group_name_H-M   'C 1 2 1'
#
loop_
_entity.id
_entity.type
_entity.pdbx_description
1 polymer Transporter
2 non-polymer 'SODIUM ION'
3 non-polymer 'CHLORIDE ION'
4 non-polymer LEUCINE
5 non-polymer 'heptyl 1-seleno-beta-D-glucopyranoside'
6 water water
#
_entity_poly.entity_id   1
_entity_poly.type   'polypeptide(L)'
_entity_poly.pdbx_seq_one_letter_code
;MEVKREHWATRLGLILAMAGNAVGLGNFLRFPVQAAENGGGAFMIPYIIAFLLVGIPLMWIEWAMGRYGGAQGHGTTPAI
FYLLWRNRFAKILGVFGLWIPLVVAIYYVYIESWTLGFAIKFLVGLVPEPPPNATDPDSILRPFKEFLYSYIGVPKGDEP
ILKPSLFAYIVFLITMFINVSILIRGISKGIERFAKIAMPTLFILAVFLVIRVFLLETPNGTAADGLNFLWTPDFEKLKD
PGVWIAAVGQIFFTLSLGFGAIITYASYVRKDQDIVLSGLTAATLNEKAEVILGGSISIPAAVAFFGVANAVAIAKAGAF
NLGFITLPAIFSQTAGGTFLGFLWFFLLFFAGLTSSIAIMQPMIAFLEDELKLSRKHAVLWTAAIVFFSAHLVMFLNKSL
DEMDFWAGTIGVVFFGLTELIIFFWIFGADKAWEEINRGGIIKVPRIYYYVMRYITPAFLAVLLVVWAREYIPKIMEETH
WTVWITRFYIIGLFLFLTFLVFLAERRRNHESAGTLVPR
;
_entity_poly.pdbx_strand_id   A
#
loop_
_chem_comp.id
_chem_comp.type
_chem_comp.name
_chem_comp.formula
05L D-saccharide 'heptyl 1-seleno-beta-D-glucopyranoside' 'C13 H26 O5 Se'
CL non-polymer 'CHLORIDE ION' 'Cl -1'
NA non-polymer 'SODIUM ION' 'Na 1'
#
# COMPACT_ATOMS: atom_id res chain seq x y z
N ARG A 5 17.72 -7.67 19.59
CA ARG A 5 16.75 -7.35 18.54
C ARG A 5 17.37 -7.53 17.15
N GLU A 6 16.58 -8.04 16.22
CA GLU A 6 17.04 -8.21 14.85
C GLU A 6 17.43 -6.88 14.22
N HIS A 7 18.34 -6.94 13.25
CA HIS A 7 18.76 -5.76 12.52
C HIS A 7 18.98 -6.11 11.05
N TRP A 8 18.77 -5.13 10.18
CA TRP A 8 19.02 -5.32 8.76
C TRP A 8 20.50 -5.62 8.54
N ALA A 9 20.79 -6.71 7.84
CA ALA A 9 22.15 -7.14 7.61
C ALA A 9 22.97 -6.10 6.84
N THR A 10 22.48 -5.71 5.67
CA THR A 10 23.20 -4.78 4.82
C THR A 10 22.40 -3.51 4.55
N ARG A 11 23.08 -2.49 4.04
CA ARG A 11 22.43 -1.24 3.67
C ARG A 11 21.52 -1.46 2.48
N LEU A 12 22.05 -2.10 1.45
CA LEU A 12 21.28 -2.40 0.24
C LEU A 12 20.02 -3.19 0.57
N GLY A 13 20.16 -4.17 1.45
CA GLY A 13 19.03 -4.98 1.88
C GLY A 13 17.96 -4.14 2.53
N LEU A 14 18.38 -3.20 3.38
CA LEU A 14 17.47 -2.27 4.02
C LEU A 14 16.72 -1.45 2.98
N ILE A 15 17.48 -0.82 2.08
CA ILE A 15 16.91 0.03 1.04
C ILE A 15 15.88 -0.73 0.19
N LEU A 16 16.24 -1.92 -0.24
CA LEU A 16 15.37 -2.73 -1.10
C LEU A 16 14.17 -3.27 -0.33
N ALA A 17 14.34 -3.47 0.98
CA ALA A 17 13.25 -3.93 1.82
C ALA A 17 12.20 -2.84 1.98
N MET A 18 12.67 -1.63 2.25
CA MET A 18 11.78 -0.47 2.35
C MET A 18 11.11 -0.19 1.02
N ALA A 19 11.90 -0.27 -0.06
CA ALA A 19 11.38 -0.05 -1.40
C ALA A 19 10.29 -1.07 -1.72
N GLY A 20 10.52 -2.32 -1.30
CA GLY A 20 9.53 -3.36 -1.47
C GLY A 20 8.32 -3.12 -0.61
N ASN A 21 8.52 -2.41 0.50
CA ASN A 21 7.43 -2.01 1.37
C ASN A 21 6.54 -0.98 0.65
N ALA A 22 7.17 -0.01 -0.01
CA ALA A 22 6.45 1.02 -0.74
C ALA A 22 5.92 0.54 -2.09
N VAL A 23 6.82 0.02 -2.93
CA VAL A 23 6.45 -0.40 -4.28
C VAL A 23 5.54 -1.61 -4.30
N GLY A 24 4.26 -1.39 -4.55
CA GLY A 24 3.29 -2.47 -4.54
C GLY A 24 2.14 -2.27 -5.52
N LEU A 25 0.99 -2.84 -5.19
CA LEU A 25 -0.20 -2.73 -6.03
C LEU A 25 -0.60 -1.28 -6.23
N GLY A 26 -0.22 -0.42 -5.29
CA GLY A 26 -0.56 0.99 -5.36
C GLY A 26 0.11 1.67 -6.54
N ASN A 27 1.27 1.15 -6.93
CA ASN A 27 2.03 1.71 -8.04
C ASN A 27 1.46 1.33 -9.40
N PHE A 28 1.05 0.07 -9.53
CA PHE A 28 0.64 -0.46 -10.82
C PHE A 28 -0.87 -0.55 -11.01
N LEU A 29 -1.62 -0.48 -9.91
CA LEU A 29 -3.07 -0.61 -9.98
C LEU A 29 -3.78 0.69 -9.59
N ARG A 30 -3.42 1.22 -8.43
CA ARG A 30 -4.09 2.40 -7.88
C ARG A 30 -3.73 3.69 -8.62
N PHE A 31 -2.43 3.92 -8.79
CA PHE A 31 -1.95 5.17 -9.41
C PHE A 31 -2.54 5.45 -10.79
N PRO A 32 -2.51 4.46 -11.70
CA PRO A 32 -3.07 4.69 -13.02
C PRO A 32 -4.52 5.17 -12.95
N VAL A 33 -5.33 4.49 -12.14
CA VAL A 33 -6.73 4.84 -11.97
C VAL A 33 -6.90 6.24 -11.39
N GLN A 34 -6.18 6.53 -10.32
CA GLN A 34 -6.27 7.84 -9.67
C GLN A 34 -5.89 8.97 -10.61
N ALA A 35 -4.81 8.78 -11.36
CA ALA A 35 -4.34 9.80 -12.29
C ALA A 35 -5.30 9.98 -13.46
N ALA A 36 -5.85 8.87 -13.95
CA ALA A 36 -6.77 8.92 -15.09
C ALA A 36 -8.10 9.57 -14.71
N GLU A 37 -8.58 9.28 -13.51
CA GLU A 37 -9.85 9.83 -13.05
C GLU A 37 -9.79 11.33 -12.83
N ASN A 38 -8.59 11.83 -12.51
CA ASN A 38 -8.44 13.24 -12.16
C ASN A 38 -7.80 14.10 -13.24
N GLY A 39 -7.92 13.67 -14.49
CA GLY A 39 -7.48 14.48 -15.63
C GLY A 39 -6.02 14.33 -16.00
N GLY A 40 -5.40 13.26 -15.55
CA GLY A 40 -4.01 12.97 -15.92
C GLY A 40 -3.03 14.00 -15.40
N GLY A 41 -2.56 14.87 -16.30
CA GLY A 41 -1.65 15.93 -15.93
C GLY A 41 -2.17 16.81 -14.81
N ALA A 42 -3.46 17.10 -14.83
CA ALA A 42 -4.07 17.94 -13.80
C ALA A 42 -3.89 17.32 -12.42
N PHE A 43 -3.68 16.01 -12.39
CA PHE A 43 -3.50 15.28 -11.15
C PHE A 43 -2.04 15.27 -10.69
N MET A 44 -1.12 15.46 -11.64
CA MET A 44 0.31 15.40 -11.35
C MET A 44 0.80 16.55 -10.48
N ILE A 45 0.51 17.78 -10.88
CA ILE A 45 0.96 18.95 -10.12
C ILE A 45 0.72 18.76 -8.62
N PRO A 46 -0.56 18.70 -8.20
CA PRO A 46 -0.81 18.50 -6.77
C PRO A 46 -0.01 17.31 -6.26
N TYR A 47 -0.09 16.21 -6.98
CA TYR A 47 0.65 15.00 -6.64
C TYR A 47 2.09 15.38 -6.26
N ILE A 48 2.80 16.00 -7.20
CA ILE A 48 4.18 16.37 -6.98
C ILE A 48 4.31 17.19 -5.70
N ILE A 49 3.46 18.20 -5.57
CA ILE A 49 3.45 19.04 -4.38
C ILE A 49 3.25 18.19 -3.13
N ALA A 50 2.27 17.29 -3.19
CA ALA A 50 1.95 16.42 -2.07
C ALA A 50 3.17 15.59 -1.70
N PHE A 51 3.99 15.27 -2.69
CA PHE A 51 5.19 14.47 -2.45
C PHE A 51 6.24 15.29 -1.70
N LEU A 52 6.31 16.58 -2.01
CA LEU A 52 7.31 17.46 -1.39
C LEU A 52 6.91 17.92 0.00
N LEU A 53 5.63 18.26 0.18
CA LEU A 53 5.17 18.84 1.43
C LEU A 53 4.61 17.80 2.42
N VAL A 54 4.40 16.58 1.95
CA VAL A 54 3.81 15.54 2.79
C VAL A 54 4.59 14.23 2.79
N GLY A 55 4.76 13.65 1.60
CA GLY A 55 5.43 12.37 1.46
C GLY A 55 6.80 12.30 2.11
N ILE A 56 7.72 13.14 1.64
CA ILE A 56 9.09 13.14 2.13
C ILE A 56 9.19 13.36 3.65
N PRO A 57 8.62 14.47 4.14
CA PRO A 57 8.73 14.78 5.57
C PRO A 57 8.17 13.67 6.45
N LEU A 58 7.00 13.16 6.10
CA LEU A 58 6.39 12.07 6.87
C LEU A 58 7.23 10.80 6.80
N MET A 59 7.82 10.54 5.63
CA MET A 59 8.73 9.41 5.49
C MET A 59 9.87 9.52 6.49
N TRP A 60 10.57 10.65 6.44
CA TRP A 60 11.67 10.90 7.38
C TRP A 60 11.22 10.74 8.82
N ILE A 61 10.07 11.33 9.14
CA ILE A 61 9.54 11.29 10.50
C ILE A 61 9.29 9.85 10.97
N GLU A 62 8.69 9.03 10.10
CA GLU A 62 8.39 7.65 10.45
C GLU A 62 9.66 6.82 10.58
N TRP A 63 10.63 7.08 9.72
CA TRP A 63 11.94 6.45 9.86
C TRP A 63 12.53 6.77 11.23
N ALA A 64 12.48 8.05 11.59
CA ALA A 64 13.03 8.51 12.86
C ALA A 64 12.34 7.85 14.06
N MET A 65 11.01 7.90 14.08
CA MET A 65 10.25 7.28 15.16
C MET A 65 10.55 5.79 15.25
N GLY A 66 10.65 5.15 14.08
CA GLY A 66 10.97 3.73 14.02
C GLY A 66 12.29 3.41 14.66
N ARG A 67 13.36 4.07 14.21
CA ARG A 67 14.68 3.83 14.78
C ARG A 67 14.71 4.13 16.26
N TYR A 68 14.16 5.28 16.65
CA TYR A 68 14.09 5.69 18.04
C TYR A 68 13.45 4.62 18.92
N GLY A 69 12.28 4.13 18.51
CA GLY A 69 11.59 3.10 19.24
C GLY A 69 12.39 1.81 19.29
N GLY A 70 12.97 1.45 18.15
CA GLY A 70 13.76 0.23 18.05
C GLY A 70 14.94 0.23 18.99
N ALA A 71 15.51 1.41 19.23
CA ALA A 71 16.65 1.53 20.12
C ALA A 71 16.30 1.07 21.53
N GLN A 72 15.01 1.13 21.87
CA GLN A 72 14.56 0.73 23.20
C GLN A 72 13.78 -0.59 23.18
N GLY A 73 13.83 -1.28 22.05
CA GLY A 73 13.20 -2.58 21.93
C GLY A 73 11.72 -2.52 21.62
N HIS A 74 11.30 -1.46 20.94
CA HIS A 74 9.89 -1.31 20.55
C HIS A 74 9.77 -0.94 19.07
N GLY A 75 8.86 -1.60 18.37
CA GLY A 75 8.72 -1.39 16.94
C GLY A 75 7.34 -0.92 16.51
N THR A 76 6.39 -0.91 17.44
CA THR A 76 5.02 -0.50 17.12
C THR A 76 4.61 0.77 17.87
N THR A 77 3.61 1.46 17.34
CA THR A 77 3.20 2.76 17.86
C THR A 77 2.57 2.79 19.25
N PRO A 78 1.94 1.68 19.68
CA PRO A 78 1.40 1.70 21.05
C PRO A 78 2.46 2.07 22.09
N ALA A 79 3.67 1.51 21.93
CA ALA A 79 4.76 1.77 22.86
C ALA A 79 5.55 3.02 22.48
N ILE A 80 5.77 3.20 21.18
CA ILE A 80 6.56 4.34 20.69
C ILE A 80 5.89 5.67 21.00
N PHE A 81 4.59 5.77 20.70
CA PHE A 81 3.81 6.95 21.05
C PHE A 81 3.93 7.27 22.53
N TYR A 82 4.00 6.23 23.35
CA TYR A 82 4.09 6.39 24.79
C TYR A 82 5.49 6.86 25.19
N LEU A 83 6.49 6.44 24.43
CA LEU A 83 7.86 6.88 24.64
C LEU A 83 7.98 8.36 24.31
N LEU A 84 7.30 8.80 23.25
CA LEU A 84 7.34 10.18 22.81
C LEU A 84 6.43 11.05 23.67
N TRP A 85 5.36 10.45 24.18
CA TRP A 85 4.37 11.16 24.97
C TRP A 85 3.89 10.27 26.11
N ARG A 86 4.39 10.51 27.31
CA ARG A 86 4.01 9.71 28.47
C ARG A 86 2.57 9.98 28.87
N ASN A 87 1.64 9.34 28.16
CA ASN A 87 0.22 9.49 28.42
C ASN A 87 -0.53 8.28 27.87
N ARG A 88 -1.51 7.81 28.62
CA ARG A 88 -2.26 6.61 28.23
C ARG A 88 -2.94 6.82 26.87
N PHE A 89 -3.40 8.04 26.66
CA PHE A 89 -4.04 8.42 25.40
C PHE A 89 -3.08 8.22 24.24
N ALA A 90 -1.78 8.25 24.53
CA ALA A 90 -0.76 7.99 23.52
C ALA A 90 -0.75 6.53 23.11
N LYS A 91 -0.93 5.65 24.08
CA LYS A 91 -1.05 4.22 23.79
C LYS A 91 -2.32 3.98 22.99
N ILE A 92 -3.43 4.50 23.50
CA ILE A 92 -4.71 4.35 22.81
C ILE A 92 -4.62 4.79 21.35
N LEU A 93 -4.10 5.99 21.12
CA LEU A 93 -3.90 6.48 19.77
C LEU A 93 -2.93 5.57 19.02
N GLY A 94 -2.01 4.97 19.76
CA GLY A 94 -1.02 4.09 19.18
C GLY A 94 -1.62 2.83 18.60
N VAL A 95 -2.75 2.39 19.16
CA VAL A 95 -3.43 1.19 18.67
C VAL A 95 -3.67 1.21 17.15
N PHE A 96 -3.94 2.40 16.61
CA PHE A 96 -4.18 2.55 15.18
C PHE A 96 -3.01 2.04 14.35
N GLY A 97 -1.80 2.10 14.92
CA GLY A 97 -0.61 1.66 14.24
C GLY A 97 -0.58 0.16 13.98
N LEU A 98 -1.48 -0.55 14.65
CA LEU A 98 -1.64 -1.99 14.44
C LEU A 98 -2.93 -2.23 13.67
N TRP A 99 -3.98 -1.53 14.10
CA TRP A 99 -5.29 -1.67 13.48
C TRP A 99 -5.25 -1.41 11.98
N ILE A 100 -4.68 -0.28 11.59
CA ILE A 100 -4.64 0.10 10.18
C ILE A 100 -3.94 -0.96 9.32
N PRO A 101 -2.69 -1.32 9.65
CA PRO A 101 -1.98 -2.32 8.85
C PRO A 101 -2.68 -3.67 8.84
N LEU A 102 -3.28 -4.07 9.97
CA LEU A 102 -4.03 -5.31 10.01
C LEU A 102 -5.18 -5.28 9.01
N VAL A 103 -6.08 -4.31 9.18
CA VAL A 103 -7.24 -4.18 8.31
C VAL A 103 -6.84 -4.11 6.84
N VAL A 104 -5.82 -3.32 6.54
CA VAL A 104 -5.35 -3.18 5.17
C VAL A 104 -4.86 -4.52 4.62
N ALA A 105 -4.07 -5.23 5.43
CA ALA A 105 -3.57 -6.54 5.05
C ALA A 105 -4.72 -7.47 4.71
N ILE A 106 -5.78 -7.40 5.50
CA ILE A 106 -6.94 -8.29 5.35
C ILE A 106 -7.48 -8.39 3.91
N TYR A 107 -7.50 -7.28 3.19
CA TYR A 107 -7.98 -7.30 1.80
C TYR A 107 -6.84 -7.25 0.79
N TYR A 108 -5.77 -6.55 1.17
CA TYR A 108 -4.60 -6.41 0.30
C TYR A 108 -4.08 -7.79 -0.08
N VAL A 109 -3.93 -8.65 0.92
CA VAL A 109 -3.45 -10.01 0.69
C VAL A 109 -4.37 -10.78 -0.25
N TYR A 110 -5.67 -10.52 -0.15
CA TYR A 110 -6.64 -11.19 -1.01
C TYR A 110 -6.45 -10.76 -2.47
N ILE A 111 -6.35 -9.45 -2.69
CA ILE A 111 -6.09 -8.95 -4.05
C ILE A 111 -4.80 -9.54 -4.61
N GLU A 112 -3.78 -9.59 -3.75
CA GLU A 112 -2.52 -10.23 -4.10
C GLU A 112 -2.75 -11.65 -4.57
N SER A 113 -3.54 -12.40 -3.80
CA SER A 113 -3.87 -13.77 -4.18
C SER A 113 -4.53 -13.79 -5.55
N TRP A 114 -5.35 -12.78 -5.82
CA TRP A 114 -5.93 -12.62 -7.16
C TRP A 114 -4.82 -12.62 -8.19
N THR A 115 -3.88 -11.69 -8.04
CA THR A 115 -2.78 -11.58 -8.98
C THR A 115 -2.04 -12.91 -9.17
N LEU A 116 -1.85 -13.64 -8.07
CA LEU A 116 -1.20 -14.94 -8.15
C LEU A 116 -2.00 -15.92 -9.01
N GLY A 117 -3.28 -16.07 -8.69
CA GLY A 117 -4.17 -16.95 -9.44
C GLY A 117 -4.16 -16.63 -10.92
N PHE A 118 -4.31 -15.36 -11.25
CA PHE A 118 -4.28 -14.93 -12.64
C PHE A 118 -2.95 -15.28 -13.30
N ALA A 119 -1.85 -15.07 -12.58
CA ALA A 119 -0.53 -15.45 -13.09
C ALA A 119 -0.54 -16.92 -13.48
N ILE A 120 -0.98 -17.77 -12.56
CA ILE A 120 -1.06 -19.21 -12.81
C ILE A 120 -1.89 -19.57 -14.04
N LYS A 121 -3.14 -19.10 -14.06
CA LYS A 121 -4.05 -19.44 -15.15
C LYS A 121 -3.55 -18.93 -16.50
N PHE A 122 -2.90 -17.76 -16.50
CA PHE A 122 -2.35 -17.20 -17.72
C PHE A 122 -1.11 -17.96 -18.19
N LEU A 123 -0.33 -18.45 -17.24
CA LEU A 123 0.85 -19.24 -17.55
C LEU A 123 0.47 -20.55 -18.23
N VAL A 124 -0.57 -21.20 -17.71
CA VAL A 124 -0.99 -22.49 -18.24
C VAL A 124 -1.88 -22.32 -19.48
N GLY A 125 -2.24 -21.08 -19.78
CA GLY A 125 -3.04 -20.79 -20.95
C GLY A 125 -4.54 -21.02 -20.75
N LEU A 126 -4.96 -21.16 -19.50
CA LEU A 126 -6.37 -21.33 -19.21
C LEU A 126 -7.05 -19.97 -19.12
N VAL A 127 -7.14 -19.30 -20.26
CA VAL A 127 -7.69 -17.96 -20.33
C VAL A 127 -8.84 -17.90 -21.34
N PRO A 128 -9.66 -16.84 -21.26
CA PRO A 128 -10.78 -16.68 -22.18
C PRO A 128 -10.32 -16.58 -23.63
N GLU A 129 -11.19 -16.99 -24.55
CA GLU A 129 -10.87 -16.99 -25.97
C GLU A 129 -11.77 -16.03 -26.73
N PRO A 130 -11.39 -14.74 -26.76
CA PRO A 130 -12.16 -13.71 -27.47
C PRO A 130 -12.25 -14.01 -28.96
N PRO A 131 -13.43 -13.80 -29.55
CA PRO A 131 -13.64 -14.03 -31.00
C PRO A 131 -12.85 -13.05 -31.85
N PRO A 132 -11.87 -13.56 -32.62
CA PRO A 132 -11.02 -12.73 -33.48
C PRO A 132 -11.80 -12.09 -34.63
N THR A 135 -13.66 -7.65 -34.07
CA THR A 135 -13.14 -6.31 -33.86
C THR A 135 -13.96 -5.55 -32.82
N ASP A 136 -15.17 -6.05 -32.56
CA ASP A 136 -16.06 -5.45 -31.57
C ASP A 136 -15.39 -5.45 -30.20
N PRO A 137 -15.18 -4.25 -29.63
CA PRO A 137 -14.51 -4.09 -28.33
C PRO A 137 -15.16 -4.90 -27.22
N ASP A 138 -16.50 -4.88 -27.15
CA ASP A 138 -17.22 -5.60 -26.12
C ASP A 138 -17.08 -7.11 -26.26
N SER A 139 -16.96 -7.59 -27.50
CA SER A 139 -16.82 -9.01 -27.74
C SER A 139 -15.44 -9.50 -27.28
N ILE A 140 -14.53 -8.55 -27.06
CA ILE A 140 -13.20 -8.88 -26.60
C ILE A 140 -13.07 -8.69 -25.08
N LEU A 141 -13.68 -7.63 -24.56
CA LEU A 141 -13.61 -7.32 -23.14
C LEU A 141 -14.51 -8.24 -22.31
N ARG A 142 -15.67 -8.57 -22.84
CA ARG A 142 -16.67 -9.35 -22.11
C ARG A 142 -16.10 -10.66 -21.55
N PRO A 143 -15.40 -11.44 -22.39
CA PRO A 143 -14.83 -12.70 -21.90
C PRO A 143 -13.94 -12.51 -20.68
N PHE A 144 -13.09 -11.50 -20.70
CA PHE A 144 -12.20 -11.22 -19.58
C PHE A 144 -12.96 -10.74 -18.35
N LYS A 145 -13.94 -9.87 -18.55
CA LYS A 145 -14.78 -9.42 -17.45
C LYS A 145 -15.45 -10.61 -16.77
N GLU A 146 -15.95 -11.54 -17.58
CA GLU A 146 -16.55 -12.76 -17.06
C GLU A 146 -15.51 -13.61 -16.35
N PHE A 147 -14.28 -13.55 -16.84
CA PHE A 147 -13.18 -14.27 -16.21
C PHE A 147 -12.98 -13.79 -14.78
N LEU A 148 -12.81 -12.49 -14.62
CA LEU A 148 -12.66 -11.90 -13.29
C LEU A 148 -13.86 -12.18 -12.41
N TYR A 149 -15.05 -11.84 -12.90
CA TYR A 149 -16.28 -12.00 -12.13
C TYR A 149 -16.47 -13.44 -11.66
N SER A 150 -16.08 -14.39 -12.50
CA SER A 150 -16.18 -15.81 -12.14
C SER A 150 -15.10 -16.16 -11.12
N TYR A 151 -13.96 -15.49 -11.22
CA TYR A 151 -12.85 -15.75 -10.29
C TYR A 151 -13.21 -15.32 -8.87
N ILE A 152 -13.65 -14.07 -8.72
CA ILE A 152 -13.97 -13.54 -7.40
C ILE A 152 -15.42 -13.80 -6.98
N GLY A 153 -16.26 -14.11 -7.95
CA GLY A 153 -17.65 -14.46 -7.68
C GLY A 153 -18.56 -13.26 -7.49
N VAL A 154 -18.50 -12.32 -8.42
CA VAL A 154 -19.36 -11.15 -8.39
C VAL A 154 -20.84 -11.55 -8.37
N PRO A 155 -21.62 -10.91 -7.49
CA PRO A 155 -23.06 -11.21 -7.35
C PRO A 155 -23.80 -11.11 -8.68
N LYS A 156 -24.66 -12.08 -8.95
CA LYS A 156 -25.45 -12.08 -10.17
C LYS A 156 -26.90 -11.68 -9.88
N GLY A 157 -27.25 -11.62 -8.60
CA GLY A 157 -28.60 -11.27 -8.20
C GLY A 157 -28.64 -9.99 -7.37
N ASP A 158 -29.56 -9.94 -6.42
CA ASP A 158 -29.71 -8.78 -5.55
C ASP A 158 -28.90 -8.93 -4.27
N GLU A 159 -28.69 -10.17 -3.84
CA GLU A 159 -27.93 -10.43 -2.62
C GLU A 159 -26.49 -9.96 -2.74
N PRO A 160 -26.00 -9.22 -1.73
CA PRO A 160 -24.64 -8.69 -1.71
C PRO A 160 -23.63 -9.76 -1.31
N ILE A 161 -23.73 -10.92 -1.95
CA ILE A 161 -22.87 -12.05 -1.60
C ILE A 161 -21.92 -12.42 -2.73
N LEU A 162 -20.66 -12.67 -2.36
CA LEU A 162 -19.65 -13.09 -3.32
C LEU A 162 -19.49 -14.61 -3.28
N LYS A 163 -19.26 -15.20 -4.45
CA LYS A 163 -19.09 -16.64 -4.56
C LYS A 163 -17.75 -16.97 -5.24
N PRO A 164 -16.64 -16.81 -4.50
CA PRO A 164 -15.30 -17.08 -5.03
C PRO A 164 -15.13 -18.53 -5.45
N SER A 165 -14.48 -18.75 -6.60
CA SER A 165 -14.22 -20.10 -7.08
C SER A 165 -13.32 -20.86 -6.11
N LEU A 166 -13.42 -22.18 -6.12
CA LEU A 166 -12.56 -23.03 -5.30
C LEU A 166 -11.09 -22.69 -5.54
N PHE A 167 -10.75 -22.49 -6.81
CA PHE A 167 -9.37 -22.17 -7.19
C PHE A 167 -8.89 -20.89 -6.53
N ALA A 168 -9.74 -19.86 -6.52
CA ALA A 168 -9.39 -18.58 -5.90
C ALA A 168 -9.11 -18.76 -4.41
N TYR A 169 -9.95 -19.54 -3.75
CA TYR A 169 -9.80 -19.81 -2.32
C TYR A 169 -8.48 -20.51 -2.04
N ILE A 170 -8.25 -21.62 -2.74
CA ILE A 170 -7.01 -22.37 -2.58
C ILE A 170 -5.80 -21.47 -2.82
N VAL A 171 -5.90 -20.61 -3.83
CA VAL A 171 -4.82 -19.69 -4.18
C VAL A 171 -4.58 -18.69 -3.06
N PHE A 172 -5.66 -18.30 -2.39
CA PHE A 172 -5.54 -17.42 -1.23
C PHE A 172 -4.78 -18.13 -0.11
N LEU A 173 -5.18 -19.37 0.15
CA LEU A 173 -4.45 -20.22 1.08
C LEU A 173 -2.96 -20.22 0.78
N ILE A 174 -2.61 -20.51 -0.46
CA ILE A 174 -1.21 -20.57 -0.85
C ILE A 174 -0.49 -19.23 -0.69
N THR A 175 -1.16 -18.15 -1.06
CA THR A 175 -0.60 -16.81 -0.88
C THR A 175 -0.24 -16.60 0.58
N MET A 176 -1.20 -16.87 1.47
CA MET A 176 -0.96 -16.77 2.90
C MET A 176 0.25 -17.61 3.28
N PHE A 177 0.33 -18.82 2.73
CA PHE A 177 1.43 -19.71 3.03
C PHE A 177 2.79 -19.13 2.62
N ILE A 178 2.81 -18.40 1.51
CA ILE A 178 4.03 -17.77 1.03
C ILE A 178 4.43 -16.61 1.94
N ASN A 179 3.46 -15.73 2.20
CA ASN A 179 3.70 -14.64 3.14
C ASN A 179 4.29 -15.17 4.44
N VAL A 180 3.69 -16.25 4.96
CA VAL A 180 4.17 -16.88 6.17
C VAL A 180 5.58 -17.44 6.00
N SER A 181 5.84 -18.05 4.85
CA SER A 181 7.13 -18.66 4.58
C SER A 181 8.22 -17.61 4.60
N ILE A 182 7.90 -16.39 4.17
CA ILE A 182 8.86 -15.30 4.18
C ILE A 182 9.00 -14.68 5.57
N LEU A 183 7.88 -14.43 6.22
CA LEU A 183 7.89 -13.75 7.53
C LEU A 183 8.48 -14.60 8.64
N ILE A 184 8.34 -15.91 8.53
CA ILE A 184 8.76 -16.82 9.59
C ILE A 184 10.28 -16.93 9.69
N ARG A 185 10.98 -16.50 8.64
CA ARG A 185 12.44 -16.55 8.62
C ARG A 185 13.03 -15.27 9.22
N GLY A 186 12.18 -14.30 9.51
CA GLY A 186 12.59 -13.09 10.19
C GLY A 186 12.90 -11.92 9.28
N ILE A 187 13.63 -10.95 9.82
CA ILE A 187 13.95 -9.72 9.11
C ILE A 187 15.10 -9.90 8.12
N SER A 188 16.24 -10.35 8.62
CA SER A 188 17.44 -10.47 7.79
C SER A 188 17.39 -11.66 6.84
N LYS A 189 17.03 -12.83 7.37
CA LYS A 189 17.02 -14.06 6.58
C LYS A 189 15.74 -14.22 5.77
N GLY A 190 14.73 -13.42 6.11
CA GLY A 190 13.44 -13.51 5.44
C GLY A 190 13.12 -12.34 4.53
N ILE A 191 12.72 -11.21 5.13
CA ILE A 191 12.28 -10.05 4.36
C ILE A 191 13.40 -9.46 3.50
N GLU A 192 14.59 -9.34 4.09
CA GLU A 192 15.73 -8.76 3.39
C GLU A 192 16.16 -9.63 2.20
N ARG A 193 16.48 -10.88 2.50
CA ARG A 193 16.90 -11.83 1.48
C ARG A 193 15.93 -11.86 0.30
N PHE A 194 14.65 -11.97 0.60
CA PHE A 194 13.63 -12.02 -0.44
C PHE A 194 13.58 -10.71 -1.22
N ALA A 195 13.65 -9.60 -0.50
CA ALA A 195 13.67 -8.29 -1.14
C ALA A 195 14.77 -8.23 -2.20
N LYS A 196 15.96 -8.71 -1.85
CA LYS A 196 17.10 -8.64 -2.75
C LYS A 196 16.87 -9.34 -4.10
N ILE A 197 15.84 -10.19 -4.17
CA ILE A 197 15.50 -10.89 -5.39
C ILE A 197 14.28 -10.26 -6.04
N ALA A 198 13.22 -10.13 -5.25
CA ALA A 198 11.93 -9.64 -5.72
C ALA A 198 12.03 -8.24 -6.31
N MET A 199 12.89 -7.41 -5.75
CA MET A 199 13.01 -6.04 -6.25
C MET A 199 13.63 -5.98 -7.65
N PRO A 200 14.80 -6.63 -7.83
CA PRO A 200 15.39 -6.71 -9.17
C PRO A 200 14.42 -7.36 -10.17
N THR A 201 13.90 -8.53 -9.82
CA THR A 201 12.94 -9.21 -10.70
C THR A 201 11.84 -8.24 -11.12
N LEU A 202 11.24 -7.58 -10.14
CA LEU A 202 10.16 -6.64 -10.35
C LEU A 202 10.57 -5.55 -11.34
N PHE A 203 11.72 -4.94 -11.09
CA PHE A 203 12.24 -3.90 -11.97
C PHE A 203 12.33 -4.38 -13.41
N ILE A 204 12.98 -5.53 -13.61
CA ILE A 204 13.14 -6.09 -14.94
C ILE A 204 11.78 -6.27 -15.64
N LEU A 205 10.88 -7.00 -14.97
CA LEU A 205 9.55 -7.24 -15.52
C LEU A 205 8.88 -5.93 -15.93
N ALA A 206 8.86 -4.97 -15.01
CA ALA A 206 8.24 -3.67 -15.26
C ALA A 206 8.82 -3.02 -16.50
N VAL A 207 10.14 -2.97 -16.60
CA VAL A 207 10.80 -2.36 -17.76
C VAL A 207 10.37 -3.04 -19.06
N PHE A 208 10.50 -4.36 -19.10
CA PHE A 208 10.10 -5.13 -20.28
C PHE A 208 8.67 -4.77 -20.70
N LEU A 209 7.75 -4.82 -19.74
CA LEU A 209 6.35 -4.49 -20.00
C LEU A 209 6.21 -3.08 -20.56
N VAL A 210 6.95 -2.14 -19.99
CA VAL A 210 6.92 -0.75 -20.46
C VAL A 210 7.32 -0.66 -21.93
N ILE A 211 8.41 -1.35 -22.30
CA ILE A 211 8.84 -1.37 -23.69
C ILE A 211 7.76 -1.94 -24.59
N ARG A 212 7.33 -3.17 -24.27
CA ARG A 212 6.31 -3.85 -25.05
C ARG A 212 5.10 -2.95 -25.28
N VAL A 213 4.65 -2.29 -24.22
CA VAL A 213 3.52 -1.38 -24.31
C VAL A 213 3.84 -0.19 -25.22
N PHE A 214 5.05 0.34 -25.09
CA PHE A 214 5.48 1.43 -25.96
C PHE A 214 5.47 1.03 -27.42
N LEU A 215 5.51 -0.27 -27.67
CA LEU A 215 5.43 -0.77 -29.05
C LEU A 215 4.01 -0.76 -29.63
N LEU A 216 3.04 -0.40 -28.81
CA LEU A 216 1.62 -0.47 -29.22
C LEU A 216 1.15 0.71 -30.06
N GLU A 217 0.46 0.39 -31.16
CA GLU A 217 -0.16 1.42 -31.99
C GLU A 217 -1.39 0.87 -32.71
N THR A 218 -2.50 1.61 -32.62
CA THR A 218 -3.75 1.22 -33.25
C THR A 218 -4.38 2.41 -33.97
N PRO A 219 -5.46 2.18 -34.72
CA PRO A 219 -6.16 3.28 -35.38
C PRO A 219 -6.62 4.35 -34.40
N ASN A 220 -6.67 4.02 -33.11
CA ASN A 220 -7.14 4.96 -32.10
C ASN A 220 -6.03 5.78 -31.44
N GLY A 221 -4.78 5.43 -31.72
CA GLY A 221 -3.65 6.16 -31.19
C GLY A 221 -2.48 5.29 -30.77
N THR A 222 -1.52 5.91 -30.07
CA THR A 222 -0.33 5.21 -29.61
C THR A 222 -0.14 5.42 -28.11
N ALA A 223 0.93 4.84 -27.56
CA ALA A 223 1.25 4.98 -26.15
C ALA A 223 1.71 6.40 -25.84
N ALA A 224 2.36 7.02 -26.83
CA ALA A 224 2.82 8.39 -26.70
C ALA A 224 1.65 9.31 -26.35
N ASP A 225 0.48 9.00 -26.90
CA ASP A 225 -0.73 9.76 -26.59
C ASP A 225 -1.06 9.64 -25.10
N GLY A 226 -0.89 8.44 -24.56
CA GLY A 226 -1.10 8.20 -23.15
C GLY A 226 -0.14 9.01 -22.30
N LEU A 227 1.15 8.93 -22.64
CA LEU A 227 2.17 9.70 -21.94
C LEU A 227 1.82 11.18 -21.95
N ASN A 228 1.44 11.69 -23.12
CA ASN A 228 1.05 13.09 -23.25
C ASN A 228 -0.15 13.43 -22.38
N PHE A 229 -1.11 12.53 -22.31
CA PHE A 229 -2.28 12.72 -21.46
C PHE A 229 -1.89 12.78 -20.00
N LEU A 230 -0.89 12.01 -19.62
CA LEU A 230 -0.46 11.93 -18.23
C LEU A 230 0.42 13.10 -17.81
N TRP A 231 1.21 13.63 -18.73
CA TRP A 231 2.20 14.65 -18.39
C TRP A 231 1.93 16.04 -18.95
N THR A 232 0.66 16.36 -19.21
CA THR A 232 0.30 17.70 -19.66
C THR A 232 -0.47 18.47 -18.58
N PRO A 233 0.14 19.53 -18.04
CA PRO A 233 -0.40 20.34 -16.94
C PRO A 233 -1.78 20.94 -17.25
N ASP A 234 -2.60 21.07 -16.23
CA ASP A 234 -3.90 21.71 -16.34
C ASP A 234 -4.14 22.58 -15.12
N PHE A 235 -3.88 23.87 -15.26
CA PHE A 235 -3.87 24.79 -14.12
C PHE A 235 -5.26 25.22 -13.65
N GLU A 236 -6.29 24.82 -14.38
CA GLU A 236 -7.66 25.18 -14.04
C GLU A 236 -8.29 24.20 -13.05
N LYS A 237 -7.51 23.21 -12.63
CA LYS A 237 -7.99 22.24 -11.67
C LYS A 237 -7.30 22.39 -10.32
N LEU A 238 -6.36 23.35 -10.24
CA LEU A 238 -5.62 23.58 -9.01
C LEU A 238 -6.51 24.11 -7.91
N LYS A 239 -7.68 24.63 -8.29
CA LYS A 239 -8.62 25.18 -7.32
C LYS A 239 -9.68 24.16 -6.94
N ASP A 240 -9.51 22.93 -7.41
CA ASP A 240 -10.44 21.86 -7.11
C ASP A 240 -9.92 20.98 -5.96
N PRO A 241 -10.61 21.02 -4.81
CA PRO A 241 -10.24 20.27 -3.62
C PRO A 241 -10.11 18.77 -3.88
N GLY A 242 -11.06 18.21 -4.63
CA GLY A 242 -11.09 16.79 -4.91
C GLY A 242 -9.77 16.26 -5.44
N VAL A 243 -9.21 16.97 -6.43
CA VAL A 243 -7.94 16.56 -7.03
C VAL A 243 -6.83 16.50 -5.99
N TRP A 244 -6.77 17.50 -5.12
CA TRP A 244 -5.76 17.54 -4.07
C TRP A 244 -5.94 16.38 -3.10
N ILE A 245 -7.18 16.14 -2.68
CA ILE A 245 -7.50 15.03 -1.80
C ILE A 245 -7.01 13.72 -2.40
N ALA A 246 -7.35 13.50 -3.68
CA ALA A 246 -6.93 12.29 -4.37
C ALA A 246 -5.42 12.17 -4.40
N ALA A 247 -4.74 13.25 -4.77
CA ALA A 247 -3.28 13.26 -4.84
C ALA A 247 -2.65 12.86 -3.51
N VAL A 248 -3.04 13.54 -2.43
CA VAL A 248 -2.49 13.26 -1.11
C VAL A 248 -2.79 11.82 -0.70
N GLY A 249 -4.03 11.38 -0.89
CA GLY A 249 -4.39 10.01 -0.59
C GLY A 249 -3.47 9.03 -1.27
N GLN A 250 -3.23 9.26 -2.57
CA GLN A 250 -2.35 8.40 -3.35
C GLN A 250 -0.93 8.42 -2.80
N ILE A 251 -0.45 9.59 -2.41
CA ILE A 251 0.85 9.71 -1.78
C ILE A 251 0.95 8.83 -0.53
N PHE A 252 0.01 9.03 0.38
CA PHE A 252 -0.04 8.25 1.62
C PHE A 252 -0.01 6.76 1.33
N PHE A 253 -0.93 6.31 0.47
CA PHE A 253 -1.03 4.89 0.17
C PHE A 253 0.25 4.33 -0.46
N THR A 254 0.79 5.03 -1.44
CA THR A 254 1.94 4.53 -2.20
C THR A 254 3.23 4.53 -1.36
N LEU A 255 3.40 5.53 -0.50
CA LEU A 255 4.59 5.61 0.33
C LEU A 255 4.45 4.83 1.64
N SER A 256 3.35 4.09 1.77
CA SER A 256 3.08 3.30 2.97
C SER A 256 3.10 4.17 4.22
N LEU A 257 2.67 5.42 4.07
CA LEU A 257 2.65 6.37 5.19
C LEU A 257 1.35 6.26 5.98
N GLY A 258 1.47 6.24 7.30
CA GLY A 258 0.30 6.15 8.16
C GLY A 258 -0.16 4.72 8.36
N PHE A 259 0.63 3.77 7.90
CA PHE A 259 0.29 2.35 8.03
C PHE A 259 1.05 1.69 9.18
N GLY A 260 2.04 2.40 9.71
CA GLY A 260 2.86 1.87 10.79
C GLY A 260 3.89 0.86 10.30
N ALA A 261 3.91 0.64 8.99
CA ALA A 261 4.83 -0.32 8.38
C ALA A 261 6.25 0.24 8.33
N ILE A 262 6.37 1.48 7.85
CA ILE A 262 7.67 2.16 7.78
C ILE A 262 8.32 2.24 9.16
N ILE A 263 7.52 2.55 10.16
CA ILE A 263 8.02 2.64 11.53
C ILE A 263 8.56 1.30 12.00
N THR A 264 7.77 0.25 11.83
CA THR A 264 8.15 -1.08 12.25
C THR A 264 9.43 -1.55 11.55
N TYR A 265 9.50 -1.34 10.24
CA TYR A 265 10.68 -1.68 9.47
C TYR A 265 11.90 -0.91 9.98
N ALA A 266 11.69 0.38 10.26
CA ALA A 266 12.78 1.25 10.71
C ALA A 266 13.23 0.91 12.13
N SER A 267 12.38 0.22 12.87
CA SER A 267 12.71 -0.17 14.24
C SER A 267 13.82 -1.21 14.28
N TYR A 268 14.18 -1.72 13.10
CA TYR A 268 15.25 -2.71 13.01
C TYR A 268 16.53 -2.08 12.47
N VAL A 269 16.50 -0.77 12.24
CA VAL A 269 17.69 -0.04 11.84
C VAL A 269 18.50 0.30 13.09
N ARG A 270 19.80 0.04 13.03
CA ARG A 270 20.65 0.27 14.19
C ARG A 270 20.60 1.73 14.63
N LYS A 271 20.66 1.94 15.94
CA LYS A 271 20.50 3.27 16.53
C LYS A 271 21.35 4.34 15.85
N ASP A 272 22.53 3.95 15.37
CA ASP A 272 23.47 4.90 14.79
C ASP A 272 23.31 5.07 13.28
N GLN A 273 22.65 4.10 12.65
CA GLN A 273 22.58 4.05 11.19
C GLN A 273 21.73 5.18 10.60
N ASP A 274 22.18 5.71 9.47
CA ASP A 274 21.49 6.81 8.80
C ASP A 274 20.06 6.43 8.38
N ILE A 275 19.18 7.42 8.34
CA ILE A 275 17.81 7.21 7.91
C ILE A 275 17.39 8.29 6.92
N VAL A 276 18.18 9.35 6.83
CA VAL A 276 17.86 10.45 5.93
C VAL A 276 18.02 10.01 4.47
N LEU A 277 19.25 9.69 4.09
CA LEU A 277 19.55 9.29 2.72
C LEU A 277 18.84 8.00 2.36
N SER A 278 18.74 7.08 3.33
CA SER A 278 18.06 5.81 3.11
C SER A 278 16.58 6.02 2.81
N GLY A 279 15.90 6.73 3.69
CA GLY A 279 14.49 7.03 3.52
C GLY A 279 14.25 7.75 2.20
N LEU A 280 15.03 8.79 1.95
CA LEU A 280 14.92 9.54 0.70
C LEU A 280 15.09 8.63 -0.51
N THR A 281 16.02 7.69 -0.43
CA THR A 281 16.30 6.78 -1.53
C THR A 281 15.14 5.83 -1.77
N ALA A 282 14.58 5.29 -0.68
CA ALA A 282 13.43 4.41 -0.78
C ALA A 282 12.24 5.13 -1.40
N ALA A 283 11.93 6.31 -0.86
CA ALA A 283 10.84 7.13 -1.38
C ALA A 283 11.04 7.41 -2.87
N THR A 284 12.23 7.87 -3.23
CA THR A 284 12.54 8.18 -4.62
C THR A 284 12.35 6.96 -5.53
N LEU A 285 12.83 5.82 -5.06
CA LEU A 285 12.66 4.56 -5.80
C LEU A 285 11.20 4.28 -6.04
N ASN A 286 10.38 4.42 -4.99
CA ASN A 286 8.95 4.19 -5.11
C ASN A 286 8.31 5.13 -6.13
N GLU A 287 8.70 6.39 -6.09
CA GLU A 287 8.15 7.39 -7.01
C GLU A 287 8.54 7.08 -8.45
N LYS A 288 9.78 6.65 -8.66
CA LYS A 288 10.23 6.27 -9.99
C LYS A 288 9.46 5.06 -10.49
N ALA A 289 9.23 4.09 -9.60
CA ALA A 289 8.48 2.90 -9.95
C ALA A 289 7.01 3.24 -10.22
N GLU A 290 6.55 4.35 -9.67
CA GLU A 290 5.16 4.75 -9.80
C GLU A 290 4.87 5.57 -11.05
N VAL A 291 5.53 6.73 -11.17
CA VAL A 291 5.25 7.64 -12.27
C VAL A 291 5.88 7.19 -13.58
N ILE A 292 7.02 6.52 -13.50
CA ILE A 292 7.76 6.10 -14.69
C ILE A 292 7.34 4.70 -15.18
N LEU A 293 7.25 3.75 -14.24
CA LEU A 293 6.93 2.38 -14.61
C LEU A 293 5.42 2.11 -14.56
N GLY A 294 4.81 2.37 -13.42
CA GLY A 294 3.39 2.13 -13.25
C GLY A 294 2.52 3.00 -14.14
N GLY A 295 3.01 4.21 -14.42
CA GLY A 295 2.25 5.16 -15.23
C GLY A 295 2.46 5.01 -16.72
N SER A 296 3.42 4.18 -17.10
CA SER A 296 3.75 4.00 -18.51
C SER A 296 3.27 2.65 -19.07
N ILE A 297 2.46 1.94 -18.30
CA ILE A 297 1.97 0.63 -18.73
C ILE A 297 0.48 0.65 -19.06
N SER A 298 -0.34 0.67 -18.02
CA SER A 298 -1.80 0.59 -18.17
C SER A 298 -2.38 1.74 -18.98
N ILE A 299 -2.12 2.96 -18.53
CA ILE A 299 -2.67 4.15 -19.19
C ILE A 299 -2.29 4.24 -20.67
N PRO A 300 -0.99 4.13 -20.98
CA PRO A 300 -0.55 4.22 -22.38
C PRO A 300 -1.19 3.14 -23.25
N ALA A 301 -1.35 1.94 -22.71
CA ALA A 301 -1.99 0.87 -23.47
C ALA A 301 -3.46 1.17 -23.73
N ALA A 302 -4.19 1.47 -22.66
CA ALA A 302 -5.62 1.78 -22.75
C ALA A 302 -5.89 2.93 -23.71
N VAL A 303 -5.03 3.95 -23.67
CA VAL A 303 -5.17 5.11 -24.54
C VAL A 303 -4.82 4.72 -25.97
N ALA A 304 -3.80 3.88 -26.13
CA ALA A 304 -3.37 3.46 -27.45
C ALA A 304 -4.46 2.66 -28.15
N PHE A 305 -5.20 1.86 -27.39
CA PHE A 305 -6.22 0.98 -27.96
C PHE A 305 -7.61 1.59 -28.05
N PHE A 306 -7.94 2.48 -27.11
CA PHE A 306 -9.30 3.02 -27.02
C PHE A 306 -9.37 4.54 -27.22
N GLY A 307 -8.25 5.22 -26.97
CA GLY A 307 -8.24 6.66 -27.00
C GLY A 307 -8.35 7.22 -25.60
N VAL A 308 -8.11 8.51 -25.44
CA VAL A 308 -8.11 9.15 -24.14
C VAL A 308 -9.46 9.03 -23.41
N ALA A 309 -10.52 9.54 -24.04
CA ALA A 309 -11.84 9.56 -23.44
C ALA A 309 -12.25 8.18 -22.90
N ASN A 310 -12.25 7.20 -23.78
CA ASN A 310 -12.62 5.84 -23.41
C ASN A 310 -11.74 5.28 -22.31
N ALA A 311 -10.46 5.65 -22.31
CA ALA A 311 -9.52 5.21 -21.30
C ALA A 311 -9.92 5.77 -19.94
N VAL A 312 -10.23 7.06 -19.90
CA VAL A 312 -10.69 7.70 -18.69
C VAL A 312 -11.97 7.05 -18.19
N ALA A 313 -12.89 6.77 -19.10
CA ALA A 313 -14.13 6.09 -18.77
C ALA A 313 -13.84 4.75 -18.10
N ILE A 314 -12.93 3.99 -18.70
CA ILE A 314 -12.54 2.70 -18.16
C ILE A 314 -11.94 2.84 -16.76
N ALA A 315 -11.12 3.86 -16.57
CA ALA A 315 -10.51 4.12 -15.28
C ALA A 315 -11.56 4.43 -14.22
N LYS A 316 -12.58 5.20 -14.61
CA LYS A 316 -13.65 5.56 -13.70
C LYS A 316 -14.59 4.39 -13.44
N ALA A 317 -14.58 3.42 -14.34
CA ALA A 317 -15.45 2.25 -14.22
C ALA A 317 -15.30 1.59 -12.85
N GLY A 318 -14.06 1.32 -12.46
CA GLY A 318 -13.79 0.68 -11.18
C GLY A 318 -12.34 0.79 -10.77
N ALA A 319 -11.94 -0.03 -9.81
CA ALA A 319 -10.58 -0.02 -9.32
C ALA A 319 -9.78 -1.22 -9.84
N PHE A 320 -10.49 -2.23 -10.31
CA PHE A 320 -9.85 -3.43 -10.82
C PHE A 320 -10.09 -3.64 -12.31
N ASN A 321 -10.95 -2.81 -12.90
CA ASN A 321 -11.27 -2.93 -14.32
C ASN A 321 -10.04 -2.86 -15.22
N LEU A 322 -9.23 -1.82 -15.02
CA LEU A 322 -8.08 -1.55 -15.89
C LEU A 322 -7.01 -2.63 -15.81
N GLY A 323 -6.76 -3.13 -14.60
CA GLY A 323 -5.67 -4.05 -14.36
C GLY A 323 -5.99 -5.52 -14.58
N PHE A 324 -7.22 -5.92 -14.25
CA PHE A 324 -7.59 -7.34 -14.33
C PHE A 324 -8.44 -7.68 -15.55
N ILE A 325 -8.98 -6.67 -16.21
CA ILE A 325 -9.86 -6.90 -17.35
C ILE A 325 -9.33 -6.26 -18.64
N THR A 326 -9.14 -4.95 -18.60
CA THR A 326 -8.78 -4.19 -19.79
C THR A 326 -7.39 -4.54 -20.33
N LEU A 327 -6.40 -4.52 -19.46
CA LEU A 327 -5.02 -4.75 -19.87
C LEU A 327 -4.80 -6.13 -20.50
N PRO A 328 -5.24 -7.20 -19.80
CA PRO A 328 -5.08 -8.55 -20.38
C PRO A 328 -5.84 -8.68 -21.69
N ALA A 329 -7.00 -8.04 -21.78
CA ALA A 329 -7.79 -8.04 -23.01
C ALA A 329 -7.00 -7.40 -24.14
N ILE A 330 -6.35 -6.29 -23.85
CA ILE A 330 -5.51 -5.60 -24.82
C ILE A 330 -4.35 -6.50 -25.26
N PHE A 331 -3.72 -7.16 -24.30
CA PHE A 331 -2.59 -8.03 -24.57
C PHE A 331 -2.99 -9.21 -25.45
N SER A 332 -4.20 -9.72 -25.26
CA SER A 332 -4.68 -10.89 -26.00
C SER A 332 -4.72 -10.63 -27.51
N GLN A 333 -4.69 -9.36 -27.89
CA GLN A 333 -4.77 -8.99 -29.31
C GLN A 333 -3.39 -8.96 -29.96
N THR A 334 -2.36 -9.30 -29.18
CA THR A 334 -0.99 -9.32 -29.69
C THR A 334 -0.39 -10.71 -29.60
N ALA A 335 0.64 -10.96 -30.41
CA ALA A 335 1.33 -12.24 -30.40
C ALA A 335 2.05 -12.45 -29.06
N GLY A 336 1.79 -13.60 -28.44
CA GLY A 336 2.37 -13.89 -27.14
C GLY A 336 1.72 -13.06 -26.05
N GLY A 337 0.50 -12.60 -26.30
CA GLY A 337 -0.20 -11.74 -25.37
C GLY A 337 -0.57 -12.40 -24.06
N THR A 338 -0.82 -13.70 -24.12
CA THR A 338 -1.16 -14.46 -22.92
C THR A 338 0.02 -14.50 -21.95
N PHE A 339 1.19 -14.82 -22.48
CA PHE A 339 2.41 -14.85 -21.67
C PHE A 339 2.74 -13.45 -21.16
N LEU A 340 2.43 -12.44 -21.95
CA LEU A 340 2.61 -11.06 -21.54
C LEU A 340 1.74 -10.76 -20.33
N GLY A 341 0.49 -11.22 -20.39
CA GLY A 341 -0.42 -11.10 -19.26
C GLY A 341 0.15 -11.80 -18.04
N PHE A 342 0.71 -12.98 -18.27
CA PHE A 342 1.38 -13.73 -17.19
C PHE A 342 2.44 -12.87 -16.53
N LEU A 343 3.27 -12.21 -17.34
CA LEU A 343 4.32 -11.36 -16.80
C LEU A 343 3.74 -10.21 -15.99
N TRP A 344 2.67 -9.62 -16.52
CA TRP A 344 1.95 -8.55 -15.84
C TRP A 344 1.51 -8.98 -14.44
N PHE A 345 0.79 -10.10 -14.37
CA PHE A 345 0.25 -10.57 -13.10
C PHE A 345 1.34 -11.08 -12.14
N PHE A 346 2.46 -11.54 -12.70
CA PHE A 346 3.57 -11.98 -11.88
C PHE A 346 4.23 -10.77 -11.21
N LEU A 347 4.47 -9.75 -12.02
CA LEU A 347 4.92 -8.45 -11.52
C LEU A 347 4.03 -8.00 -10.37
N LEU A 348 2.73 -7.89 -10.66
CA LEU A 348 1.75 -7.51 -9.66
C LEU A 348 1.89 -8.34 -8.40
N PHE A 349 2.08 -9.65 -8.57
CA PHE A 349 2.18 -10.54 -7.44
C PHE A 349 3.40 -10.26 -6.56
N PHE A 350 4.56 -10.06 -7.18
CA PHE A 350 5.76 -9.75 -6.40
C PHE A 350 5.63 -8.43 -5.65
N ALA A 351 5.16 -7.40 -6.35
CA ALA A 351 4.94 -6.10 -5.71
C ALA A 351 4.03 -6.27 -4.49
N GLY A 352 2.88 -6.90 -4.73
CA GLY A 352 1.92 -7.18 -3.69
C GLY A 352 2.56 -7.86 -2.49
N LEU A 353 3.16 -9.02 -2.72
CA LEU A 353 3.83 -9.77 -1.66
C LEU A 353 4.76 -8.89 -0.83
N THR A 354 5.70 -8.25 -1.52
CA THR A 354 6.71 -7.43 -0.86
C THR A 354 6.08 -6.31 -0.02
N SER A 355 4.88 -5.87 -0.38
CA SER A 355 4.15 -4.92 0.46
C SER A 355 3.43 -5.58 1.65
N SER A 356 2.76 -6.69 1.37
CA SER A 356 1.95 -7.39 2.36
C SER A 356 2.77 -7.84 3.56
N ILE A 357 3.90 -8.50 3.30
CA ILE A 357 4.77 -8.91 4.39
C ILE A 357 5.05 -7.70 5.28
N ALA A 358 5.24 -6.56 4.63
CA ALA A 358 5.52 -5.31 5.31
C ALA A 358 4.35 -4.87 6.18
N ILE A 359 3.12 -5.14 5.73
CA ILE A 359 1.96 -4.74 6.52
C ILE A 359 1.49 -5.77 7.55
N MET A 360 2.14 -6.93 7.59
CA MET A 360 1.88 -7.89 8.65
C MET A 360 2.99 -7.86 9.73
N GLN A 361 4.17 -7.40 9.30
CA GLN A 361 5.30 -7.26 10.21
C GLN A 361 5.01 -6.38 11.44
N PRO A 362 4.13 -5.37 11.31
CA PRO A 362 3.77 -4.58 12.50
C PRO A 362 3.12 -5.44 13.59
N MET A 363 2.05 -6.14 13.25
CA MET A 363 1.39 -7.02 14.20
C MET A 363 2.39 -8.05 14.75
N ILE A 364 3.12 -8.69 13.85
CA ILE A 364 4.13 -9.65 14.28
C ILE A 364 5.06 -9.04 15.35
N ALA A 365 5.51 -7.81 15.09
CA ALA A 365 6.46 -7.13 15.95
C ALA A 365 5.85 -6.72 17.29
N PHE A 366 4.54 -6.45 17.29
CA PHE A 366 3.85 -6.16 18.54
C PHE A 366 3.79 -7.43 19.38
N LEU A 367 3.42 -8.54 18.75
CA LEU A 367 3.35 -9.81 19.46
C LEU A 367 4.71 -10.22 20.01
N GLU A 368 5.77 -9.91 19.28
CA GLU A 368 7.12 -10.25 19.71
C GLU A 368 7.64 -9.35 20.82
N ASP A 369 7.55 -8.03 20.59
CA ASP A 369 8.11 -7.05 21.52
C ASP A 369 7.31 -6.92 22.81
N GLU A 370 5.99 -6.83 22.70
CA GLU A 370 5.16 -6.49 23.85
C GLU A 370 4.57 -7.70 24.59
N LEU A 371 4.25 -8.76 23.86
CA LEU A 371 3.69 -9.96 24.48
C LEU A 371 4.71 -11.09 24.57
N LYS A 372 5.93 -10.82 24.09
CA LYS A 372 7.04 -11.76 24.23
C LYS A 372 6.78 -13.11 23.57
N LEU A 373 6.02 -13.11 22.48
CA LEU A 373 5.82 -14.34 21.71
C LEU A 373 7.04 -14.62 20.84
N SER A 374 7.28 -15.90 20.58
CA SER A 374 8.34 -16.29 19.66
C SER A 374 7.95 -15.86 18.25
N ARG A 375 8.93 -15.74 17.36
CA ARG A 375 8.66 -15.32 15.99
C ARG A 375 7.68 -16.27 15.31
N LYS A 376 7.88 -17.57 15.51
CA LYS A 376 7.00 -18.58 14.94
C LYS A 376 5.54 -18.34 15.34
N HIS A 377 5.28 -18.29 16.64
CA HIS A 377 3.93 -18.12 17.16
C HIS A 377 3.31 -16.79 16.74
N ALA A 378 4.10 -15.72 16.80
CA ALA A 378 3.63 -14.41 16.39
C ALA A 378 3.18 -14.42 14.93
N VAL A 379 4.05 -14.92 14.06
CA VAL A 379 3.75 -15.00 12.63
C VAL A 379 2.51 -15.85 12.37
N LEU A 380 2.43 -17.01 13.05
CA LEU A 380 1.32 -17.93 12.84
C LEU A 380 -0.02 -17.34 13.30
N TRP A 381 -0.01 -16.67 14.44
CA TRP A 381 -1.23 -16.05 14.96
C TRP A 381 -1.66 -14.86 14.11
N THR A 382 -0.70 -14.06 13.68
CA THR A 382 -0.98 -12.95 12.78
C THR A 382 -1.63 -13.47 11.50
N ALA A 383 -1.01 -14.49 10.91
CA ALA A 383 -1.53 -15.11 9.70
C ALA A 383 -2.92 -15.70 9.92
N ALA A 384 -3.15 -16.19 11.13
CA ALA A 384 -4.46 -16.76 11.48
C ALA A 384 -5.51 -15.67 11.50
N ILE A 385 -5.20 -14.55 12.15
CA ILE A 385 -6.12 -13.44 12.24
C ILE A 385 -6.45 -12.89 10.87
N VAL A 386 -5.40 -12.65 10.06
CA VAL A 386 -5.58 -12.16 8.71
C VAL A 386 -6.43 -13.13 7.88
N PHE A 387 -6.07 -14.40 7.93
CA PHE A 387 -6.76 -15.43 7.15
C PHE A 387 -8.25 -15.50 7.50
N PHE A 388 -8.54 -15.58 8.80
CA PHE A 388 -9.93 -15.65 9.24
C PHE A 388 -10.70 -14.38 8.86
N SER A 389 -10.13 -13.22 9.18
CA SER A 389 -10.79 -11.95 8.90
C SER A 389 -11.04 -11.76 7.40
N ALA A 390 -10.20 -12.39 6.58
CA ALA A 390 -10.27 -12.20 5.13
C ALA A 390 -11.56 -12.76 4.52
N HIS A 391 -12.18 -13.72 5.20
CA HIS A 391 -13.42 -14.32 4.71
C HIS A 391 -14.53 -13.29 4.52
N LEU A 392 -14.51 -12.26 5.36
CA LEU A 392 -15.49 -11.19 5.26
C LEU A 392 -15.33 -10.44 3.93
N VAL A 393 -14.07 -10.23 3.53
CA VAL A 393 -13.76 -9.58 2.27
C VAL A 393 -14.07 -10.51 1.10
N MET A 394 -13.90 -11.81 1.33
CA MET A 394 -14.09 -12.79 0.26
C MET A 394 -15.55 -13.09 -0.04
N PHE A 395 -16.42 -12.98 0.96
CA PHE A 395 -17.82 -13.38 0.79
C PHE A 395 -18.83 -12.24 0.87
N LEU A 396 -18.41 -11.08 1.37
CA LEU A 396 -19.32 -9.95 1.47
C LEU A 396 -18.97 -8.86 0.46
N ASN A 397 -19.91 -8.56 -0.44
CA ASN A 397 -19.70 -7.58 -1.49
C ASN A 397 -19.50 -6.17 -0.92
N LYS A 398 -18.43 -5.52 -1.36
CA LYS A 398 -18.13 -4.13 -0.97
C LYS A 398 -17.55 -3.99 0.43
N SER A 399 -17.26 -5.11 1.08
CA SER A 399 -16.58 -5.07 2.38
C SER A 399 -15.17 -4.54 2.20
N LEU A 400 -14.51 -5.01 1.14
CA LEU A 400 -13.17 -4.56 0.79
C LEU A 400 -13.13 -3.05 0.67
N ASP A 401 -14.16 -2.48 0.04
CA ASP A 401 -14.25 -1.04 -0.15
C ASP A 401 -14.33 -0.32 1.18
N GLU A 402 -15.18 -0.82 2.09
CA GLU A 402 -15.35 -0.21 3.40
C GLU A 402 -14.02 -0.22 4.16
N MET A 403 -13.41 -1.39 4.25
CA MET A 403 -12.12 -1.52 4.91
C MET A 403 -11.09 -0.56 4.32
N ASP A 404 -11.04 -0.48 3.00
CA ASP A 404 -10.09 0.38 2.31
C ASP A 404 -10.36 1.85 2.61
N PHE A 405 -11.62 2.20 2.81
CA PHE A 405 -11.98 3.58 3.11
C PHE A 405 -11.60 3.97 4.53
N TRP A 406 -12.04 3.18 5.51
CA TRP A 406 -11.83 3.52 6.91
C TRP A 406 -10.37 3.41 7.35
N ALA A 407 -9.67 2.40 6.84
CA ALA A 407 -8.30 2.15 7.26
C ALA A 407 -7.28 2.67 6.26
N GLY A 408 -7.48 2.33 4.99
CA GLY A 408 -6.54 2.69 3.95
C GLY A 408 -6.65 4.11 3.43
N THR A 409 -7.67 4.84 3.88
CA THR A 409 -7.87 6.19 3.38
C THR A 409 -7.91 7.22 4.52
N ILE A 410 -8.96 7.15 5.32
CA ILE A 410 -9.11 7.99 6.49
C ILE A 410 -7.99 7.76 7.51
N GLY A 411 -7.95 6.54 8.04
CA GLY A 411 -6.97 6.12 9.02
C GLY A 411 -5.53 6.51 8.79
N VAL A 412 -5.06 6.41 7.54
CA VAL A 412 -3.65 6.69 7.24
C VAL A 412 -3.33 8.18 7.32
N VAL A 413 -4.27 9.02 6.86
CA VAL A 413 -4.09 10.46 6.91
C VAL A 413 -4.22 10.97 8.34
N PHE A 414 -5.29 10.56 9.01
CA PHE A 414 -5.50 10.91 10.41
C PHE A 414 -4.31 10.50 11.26
N PHE A 415 -3.79 9.30 11.00
CA PHE A 415 -2.69 8.77 11.77
C PHE A 415 -1.37 9.46 11.41
N GLY A 416 -1.26 9.92 10.17
CA GLY A 416 -0.11 10.71 9.76
C GLY A 416 -0.07 12.03 10.50
N LEU A 417 -1.20 12.73 10.50
CA LEU A 417 -1.31 13.98 11.24
C LEU A 417 -1.02 13.75 12.71
N THR A 418 -1.59 12.67 13.26
CA THR A 418 -1.38 12.32 14.66
C THR A 418 0.09 12.13 15.00
N GLU A 419 0.78 11.29 14.23
CA GLU A 419 2.18 11.00 14.47
C GLU A 419 3.04 12.25 14.32
N LEU A 420 2.71 13.08 13.34
CA LEU A 420 3.42 14.34 13.14
C LEU A 420 3.26 15.23 14.37
N ILE A 421 2.04 15.33 14.87
CA ILE A 421 1.76 16.16 16.04
C ILE A 421 2.51 15.65 17.27
N ILE A 422 2.46 14.35 17.49
CA ILE A 422 3.10 13.74 18.65
C ILE A 422 4.63 13.87 18.59
N PHE A 423 5.20 13.75 17.40
CA PHE A 423 6.65 13.74 17.25
C PHE A 423 7.27 15.12 17.18
N PHE A 424 6.60 16.06 16.51
CA PHE A 424 7.18 17.37 16.25
C PHE A 424 6.61 18.48 17.14
N TRP A 425 5.51 18.21 17.82
CA TRP A 425 4.89 19.20 18.68
C TRP A 425 5.02 18.83 20.16
N ILE A 426 4.45 17.70 20.54
CA ILE A 426 4.48 17.25 21.91
C ILE A 426 5.87 16.80 22.34
N PHE A 427 6.49 15.93 21.55
CA PHE A 427 7.81 15.42 21.85
C PHE A 427 8.87 16.53 21.78
N GLY A 428 8.62 17.53 20.93
CA GLY A 428 9.54 18.63 20.77
C GLY A 428 10.07 18.72 19.35
N ALA A 429 9.91 19.89 18.75
CA ALA A 429 10.33 20.12 17.37
C ALA A 429 11.84 19.96 17.22
N ASP A 430 12.57 20.60 18.11
CA ASP A 430 14.03 20.56 18.09
C ASP A 430 14.54 19.15 18.35
N LYS A 431 13.95 18.49 19.34
CA LYS A 431 14.31 17.12 19.67
C LYS A 431 14.03 16.17 18.51
N ALA A 432 12.91 16.39 17.83
CA ALA A 432 12.54 15.58 16.68
C ALA A 432 13.52 15.80 15.53
N TRP A 433 13.85 17.06 15.27
CA TRP A 433 14.82 17.41 14.23
C TRP A 433 16.15 16.72 14.51
N GLU A 434 16.65 16.89 15.74
CA GLU A 434 17.88 16.25 16.17
C GLU A 434 17.83 14.75 15.95
N GLU A 435 16.72 14.14 16.36
CA GLU A 435 16.56 12.69 16.24
C GLU A 435 16.58 12.25 14.79
N ILE A 436 16.02 13.07 13.91
CA ILE A 436 15.96 12.75 12.49
C ILE A 436 17.34 12.84 11.85
N ASN A 437 18.04 13.93 12.12
CA ASN A 437 19.34 14.18 11.47
C ASN A 437 20.50 13.36 12.05
N ARG A 438 20.31 12.82 13.25
CA ARG A 438 21.39 12.10 13.93
C ARG A 438 21.88 10.91 13.12
N GLY A 439 23.18 10.92 12.80
CA GLY A 439 23.81 9.83 12.08
C GLY A 439 23.53 9.85 10.59
N GLY A 440 22.98 10.95 10.11
CA GLY A 440 22.62 11.07 8.71
C GLY A 440 23.80 11.30 7.80
N ILE A 441 23.89 10.50 6.73
CA ILE A 441 24.91 10.69 5.71
C ILE A 441 24.77 12.07 5.11
N ILE A 442 23.51 12.53 5.01
CA ILE A 442 23.22 13.89 4.59
C ILE A 442 22.25 14.52 5.59
N LYS A 443 22.20 15.84 5.60
CA LYS A 443 21.29 16.57 6.49
C LYS A 443 20.03 17.00 5.76
N VAL A 444 18.90 16.95 6.47
CA VAL A 444 17.64 17.45 5.94
C VAL A 444 17.72 18.96 5.81
N PRO A 445 17.42 19.49 4.61
CA PRO A 445 17.45 20.93 4.37
C PRO A 445 16.75 21.70 5.48
N ARG A 446 17.31 22.84 5.85
CA ARG A 446 16.79 23.64 6.95
C ARG A 446 15.31 23.96 6.80
N ILE A 447 14.90 24.30 5.59
CA ILE A 447 13.51 24.71 5.34
C ILE A 447 12.51 23.63 5.78
N TYR A 448 12.94 22.37 5.69
CA TYR A 448 12.06 21.25 6.00
C TYR A 448 11.70 21.17 7.48
N TYR A 449 12.44 21.89 8.31
CA TYR A 449 12.08 22.05 9.71
C TYR A 449 10.76 22.80 9.80
N TYR A 450 10.70 23.92 9.09
CA TYR A 450 9.51 24.76 9.08
C TYR A 450 8.39 24.09 8.31
N VAL A 451 8.75 23.26 7.35
CA VAL A 451 7.77 22.50 6.59
C VAL A 451 7.10 21.47 7.50
N MET A 452 7.92 20.76 8.28
CA MET A 452 7.40 19.73 9.17
C MET A 452 6.59 20.31 10.34
N ARG A 453 7.06 21.41 10.90
CA ARG A 453 6.46 21.98 12.11
C ARG A 453 5.18 22.78 11.84
N TYR A 454 5.11 23.42 10.68
CA TYR A 454 3.99 24.32 10.38
C TYR A 454 3.21 23.92 9.12
N ILE A 455 3.92 23.80 8.00
CA ILE A 455 3.27 23.58 6.71
C ILE A 455 2.50 22.26 6.60
N THR A 456 3.19 21.14 6.87
CA THR A 456 2.58 19.81 6.73
C THR A 456 1.33 19.63 7.59
N PRO A 457 1.42 19.95 8.90
CA PRO A 457 0.27 19.76 9.79
C PRO A 457 -0.95 20.56 9.36
N ALA A 458 -0.74 21.82 9.00
CA ALA A 458 -1.83 22.69 8.56
C ALA A 458 -2.43 22.18 7.26
N PHE A 459 -1.55 21.82 6.33
CA PHE A 459 -1.98 21.25 5.05
C PHE A 459 -2.91 20.08 5.29
N LEU A 460 -2.45 19.09 6.05
CA LEU A 460 -3.26 17.93 6.36
C LEU A 460 -4.56 18.33 7.02
N ALA A 461 -4.47 18.96 8.18
CA ALA A 461 -5.64 19.39 8.93
C ALA A 461 -6.70 19.96 7.98
N VAL A 462 -6.31 20.96 7.20
CA VAL A 462 -7.21 21.58 6.24
C VAL A 462 -7.78 20.53 5.30
N LEU A 463 -6.92 19.64 4.85
CA LEU A 463 -7.32 18.58 3.95
C LEU A 463 -8.44 17.75 4.58
N LEU A 464 -8.17 17.11 5.70
CA LEU A 464 -9.16 16.30 6.41
C LEU A 464 -10.46 17.06 6.69
N VAL A 465 -10.36 18.32 7.10
CA VAL A 465 -11.56 19.09 7.42
C VAL A 465 -12.43 19.33 6.19
N VAL A 466 -11.81 19.80 5.12
CA VAL A 466 -12.50 20.01 3.85
C VAL A 466 -13.16 18.73 3.34
N TRP A 467 -12.40 17.64 3.35
CA TRP A 467 -12.87 16.35 2.84
C TRP A 467 -14.02 15.82 3.68
N ALA A 468 -13.94 16.00 5.00
CA ALA A 468 -14.96 15.48 5.89
C ALA A 468 -16.24 16.30 5.75
N ARG A 469 -16.08 17.59 5.51
CA ARG A 469 -17.19 18.51 5.39
C ARG A 469 -17.94 18.34 4.06
N GLU A 470 -17.17 18.11 2.99
CA GLU A 470 -17.75 17.98 1.66
C GLU A 470 -17.97 16.52 1.27
N TYR A 471 -17.60 15.60 2.16
CA TYR A 471 -17.74 14.18 1.87
C TYR A 471 -18.07 13.40 3.13
N GLU A 478 -25.52 7.22 2.43
CA GLU A 478 -25.87 6.84 1.05
C GLU A 478 -25.34 5.46 0.66
N THR A 479 -25.06 4.63 1.66
CA THR A 479 -24.52 3.29 1.41
C THR A 479 -25.53 2.19 1.75
N HIS A 480 -25.21 0.97 1.36
CA HIS A 480 -26.05 -0.19 1.68
C HIS A 480 -25.83 -0.58 3.14
N TRP A 481 -26.87 -1.13 3.77
CA TRP A 481 -26.80 -1.45 5.20
C TRP A 481 -25.67 -2.42 5.54
N THR A 482 -25.34 -3.30 4.60
CA THR A 482 -24.31 -4.32 4.81
C THR A 482 -22.96 -3.73 5.21
N VAL A 483 -22.75 -2.45 4.92
CA VAL A 483 -21.51 -1.78 5.34
C VAL A 483 -21.31 -1.92 6.84
N TRP A 484 -22.41 -1.79 7.59
CA TRP A 484 -22.35 -1.88 9.05
C TRP A 484 -21.82 -3.22 9.51
N ILE A 485 -21.90 -4.22 8.65
CA ILE A 485 -21.32 -5.53 8.96
C ILE A 485 -19.81 -5.43 9.08
N THR A 486 -19.19 -4.75 8.12
CA THR A 486 -17.75 -4.57 8.11
C THR A 486 -17.31 -3.67 9.25
N ARG A 487 -17.86 -2.46 9.28
CA ARG A 487 -17.55 -1.51 10.35
C ARG A 487 -17.52 -2.21 11.69
N PHE A 488 -18.68 -2.72 12.10
CA PHE A 488 -18.79 -3.49 13.32
C PHE A 488 -17.54 -4.33 13.53
N TYR A 489 -17.33 -5.29 12.63
CA TYR A 489 -16.21 -6.22 12.76
C TYR A 489 -14.89 -5.49 13.00
N ILE A 490 -14.55 -4.56 12.12
CA ILE A 490 -13.26 -3.89 12.23
C ILE A 490 -13.19 -3.16 13.56
N ILE A 491 -14.29 -2.54 13.95
CA ILE A 491 -14.37 -1.87 15.24
C ILE A 491 -13.96 -2.88 16.31
N GLY A 492 -14.61 -4.04 16.27
CA GLY A 492 -14.28 -5.13 17.16
C GLY A 492 -12.78 -5.34 17.16
N LEU A 493 -12.21 -5.51 15.97
CA LEU A 493 -10.76 -5.69 15.84
C LEU A 493 -10.02 -4.67 16.69
N PHE A 494 -10.33 -3.40 16.49
CA PHE A 494 -9.68 -2.33 17.24
C PHE A 494 -9.73 -2.68 18.71
N LEU A 495 -10.94 -2.86 19.23
CA LEU A 495 -11.14 -3.23 20.63
C LEU A 495 -10.21 -4.38 21.00
N PHE A 496 -10.26 -5.45 20.21
CA PHE A 496 -9.38 -6.59 20.40
C PHE A 496 -7.95 -6.11 20.65
N LEU A 497 -7.40 -5.42 19.65
CA LEU A 497 -6.03 -4.92 19.74
C LEU A 497 -5.83 -4.13 21.03
N THR A 498 -6.78 -3.23 21.32
CA THR A 498 -6.72 -2.43 22.53
C THR A 498 -6.49 -3.34 23.72
N PHE A 499 -7.35 -4.34 23.86
CA PHE A 499 -7.25 -5.29 24.96
C PHE A 499 -5.82 -5.84 25.04
N LEU A 500 -5.29 -6.25 23.91
CA LEU A 500 -3.93 -6.77 23.85
C LEU A 500 -2.96 -5.78 24.49
N VAL A 501 -3.00 -4.53 24.01
CA VAL A 501 -2.16 -3.49 24.58
C VAL A 501 -2.29 -3.51 26.09
N PHE A 502 -3.53 -3.52 26.56
CA PHE A 502 -3.82 -3.62 27.98
C PHE A 502 -3.00 -4.75 28.59
N LEU A 503 -3.24 -5.97 28.12
CA LEU A 503 -2.52 -7.13 28.61
C LEU A 503 -1.03 -6.82 28.63
N ALA A 504 -0.54 -6.28 27.52
CA ALA A 504 0.87 -5.91 27.42
C ALA A 504 1.30 -5.09 28.63
N GLU A 505 0.67 -3.94 28.81
CA GLU A 505 1.06 -3.03 29.88
C GLU A 505 0.92 -3.68 31.25
N ARG A 506 0.10 -4.73 31.33
CA ARG A 506 -0.04 -5.49 32.56
C ARG A 506 1.17 -6.38 32.75
N ARG A 507 1.49 -7.15 31.72
CA ARG A 507 2.65 -8.03 31.76
C ARG A 507 3.87 -7.23 32.19
N ARG A 508 4.14 -6.15 31.46
CA ARG A 508 5.22 -5.24 31.80
C ARG A 508 5.24 -5.01 33.32
N ASN A 509 4.11 -4.57 33.86
CA ASN A 509 4.01 -4.32 35.29
C ASN A 509 4.47 -5.51 36.11
N HIS A 510 3.87 -6.68 35.85
CA HIS A 510 4.22 -7.88 36.58
C HIS A 510 5.70 -8.21 36.39
N GLU A 511 6.23 -7.86 35.22
CA GLU A 511 7.63 -8.11 34.93
C GLU A 511 8.50 -7.16 35.73
N SER A 512 8.03 -5.93 35.88
CA SER A 512 8.76 -4.92 36.63
C SER A 512 8.80 -5.27 38.12
N ALA A 513 7.66 -5.67 38.67
CA ALA A 513 7.58 -6.05 40.07
C ALA A 513 8.51 -7.22 40.39
N GLY A 514 8.76 -8.07 39.41
CA GLY A 514 9.64 -9.22 39.58
C GLY A 514 11.09 -8.90 39.31
N THR A 515 11.37 -7.65 38.96
CA THR A 515 12.74 -7.22 38.69
C THR A 515 13.14 -6.04 39.56
NA NA B . 5.73 -4.29 -2.40
NA NA C . 3.92 2.48 -3.52
CL CL D . -11.45 -19.51 -11.36
N LEU E . 2.75 1.19 -0.38
CA LEU E . 1.96 0.04 -0.80
C LEU E . 1.59 0.13 -2.27
O LEU E . 1.04 -0.82 -2.84
CB LEU E . 0.69 -0.09 0.05
CG LEU E . 0.92 -0.22 1.56
CD1 LEU E . -0.42 -0.35 2.28
CD2 LEU E . 1.82 -1.42 1.87
OXT LEU E . 1.81 1.14 -2.92
SE 05L F . -20.25 -21.70 3.05
C1 05L F . -20.24 -22.42 1.22
C2 05L F . -21.74 -22.57 0.92
O2 05L F . -22.14 -23.85 1.38
C3 05L F . -21.97 -22.52 -0.60
O3 05L F . -23.35 -22.46 -0.88
C4 05L F . -21.29 -21.24 -1.10
O4 05L F . -21.65 -21.01 -2.45
C5 05L F . -19.79 -21.49 -0.95
O5 05L F . -19.49 -21.50 0.46
C6 05L F . -18.94 -20.39 -1.60
O6 05L F . -19.79 -19.36 -2.04
C1' 05L F . -19.61 -19.89 2.71
C2' 05L F . -18.85 -19.54 3.94
C3' 05L F . -19.26 -18.16 4.39
C4' 05L F . -18.36 -17.68 5.50
C5' 05L F . -18.06 -16.22 5.25
C6' 05L F . -18.36 -15.43 6.50
C7' 05L F . -17.56 -14.15 6.41
SE 05L G . -24.24 -18.96 0.64
C1 05L G . -25.98 -18.23 1.18
C2 05L G . -26.69 -18.02 -0.14
O2 05L G . -26.16 -16.83 -0.73
C3 05L G . -28.17 -17.78 0.16
O3 05L G . -28.89 -17.68 -1.06
C4 05L G . -28.68 -19.01 0.94
O4 05L G . -30.07 -18.93 1.12
C5 05L G . -27.95 -19.00 2.30
O5 05L G . -26.54 -19.17 2.07
C6 05L G . -28.38 -20.18 3.17
O6 05L G . -27.63 -20.11 4.38
C1' 05L G . -23.12 -18.28 2.09
C2' 05L G . -23.50 -16.84 2.20
C3' 05L G . -22.36 -16.10 2.85
C4' 05L G . -22.59 -14.62 2.77
C5' 05L G . -22.37 -14.04 4.14
C6' 05L G . -21.31 -12.97 4.08
C7' 05L G . -20.76 -12.81 5.48
SE 05L H . -16.03 -22.59 2.50
C1 05L H . -15.17 -23.11 0.81
C2 05L H . -16.14 -24.16 0.24
O2 05L H . -15.89 -25.37 0.92
C3 05L H . -15.81 -24.37 -1.25
O3 05L H . -16.77 -25.22 -1.84
C4 05L H . -15.88 -22.99 -1.92
O4 05L H . -15.74 -23.12 -3.32
C5 05L H . -14.73 -22.16 -1.33
O5 05L H . -15.01 -21.93 0.05
C6 05L H . -14.61 -20.80 -2.01
O6 05L H . -15.91 -20.25 -2.12
C1' 05L H . -14.91 -21.06 3.00
C2' 05L H . -14.40 -21.42 4.36
C3' 05L H . -15.58 -21.50 5.30
C4' 05L H . -15.74 -20.19 6.04
C5' 05L H . -16.07 -20.50 7.48
C6' 05L H . -16.27 -19.21 8.24
C7' 05L H . -14.93 -18.80 8.79
SE 05L I . -9.45 -22.54 -12.31
C1 05L I . -10.57 -23.25 -13.77
C2 05L I . -11.98 -23.07 -13.21
O2 05L I . -12.26 -24.22 -12.42
C3 05L I . -12.98 -23.05 -14.36
O3 05L I . -14.27 -22.74 -13.88
C4 05L I . -12.51 -21.95 -15.32
O4 05L I . -13.50 -21.70 -16.31
C5 05L I . -11.22 -22.46 -15.94
O5 05L I . -10.22 -22.51 -14.92
C6 05L I . -10.71 -21.53 -17.04
O6 05L I . -10.91 -20.20 -16.61
C1' 05L I . -8.35 -24.11 -11.89
C2' 05L I . -7.27 -24.05 -12.91
C3' 05L I . -6.09 -24.87 -12.40
C4' 05L I . -5.00 -24.93 -13.44
C5' 05L I . -3.71 -24.53 -12.77
C6' 05L I . -2.92 -25.77 -12.40
C7' 05L I . -1.48 -25.47 -12.66
SE 05L J . 17.02 24.10 -0.17
C1 05L J . 18.98 24.20 0.01
C2 05L J . 19.26 25.69 -0.03
O2 05L J . 19.22 26.12 -1.37
C3 05L J . 20.68 25.92 0.50
O3 05L J . 20.94 27.31 0.60
C4 05L J . 20.76 25.29 1.89
O4 05L J . 22.00 25.59 2.51
C5 05L J . 20.62 23.77 1.71
O5 05L J . 19.30 23.50 1.19
C6 05L J . 20.72 23.02 3.03
O6 05L J . 19.69 23.47 3.87
C1' 05L J . 16.87 22.57 -1.38
C2' 05L J . 15.83 21.72 -0.73
C3' 05L J . 14.58 21.76 -1.55
C4' 05L J . 13.45 21.13 -0.80
C5' 05L J . 12.18 21.88 -1.13
C6' 05L J . 11.26 21.86 0.07
C7' 05L J . 9.84 21.84 -0.44
SE 05L K . -12.04 -0.22 -3.58
C1 05L K . -12.09 1.49 -4.55
C2 05L K . -13.58 1.66 -4.86
O2 05L K . -13.88 0.88 -6.00
C3 05L K . -13.83 3.14 -5.23
O3 05L K . -15.22 3.37 -5.37
C4 05L K . -13.30 3.99 -4.07
O4 05L K . -13.64 5.35 -4.26
C5 05L K . -11.77 3.81 -4.07
O5 05L K . -11.49 2.45 -3.71
C6 05L K . -11.10 4.70 -3.02
O6 05L K . -10.17 5.54 -3.70
C1' 05L K . -10.25 -0.13 -2.81
C2' 05L K . -9.34 -0.22 -3.99
C3' 05L K . -8.37 -1.34 -3.76
C4' 05L K . -6.95 -0.81 -3.82
C5' 05L K . -6.02 -1.98 -3.58
C6' 05L K . -4.60 -1.56 -3.94
C7' 05L K . -4.48 -1.64 -5.44
SE 05L L . -9.57 9.63 -2.61
SE 05L M . -9.19 -26.37 -8.03
C1 05L M . -10.06 -27.33 -9.51
C2 05L M . -10.28 -28.73 -8.92
O2 05L M . -9.08 -29.46 -9.11
C3 05L M . -11.37 -29.44 -9.72
O3 05L M . -11.70 -30.66 -9.10
C4 05L M . -12.60 -28.53 -9.70
O4 05L M . -13.73 -29.19 -10.26
C5 05L M . -12.24 -27.29 -10.53
O5 05L M . -11.21 -26.57 -9.82
C6 05L M . -13.43 -26.34 -10.66
O6 05L M . -14.28 -26.57 -9.57
C1' 05L M . -7.55 -27.40 -7.84
C2' 05L M . -6.54 -26.58 -8.58
C3' 05L M . -5.65 -25.88 -7.58
C4' 05L M . -4.43 -25.32 -8.27
C5' 05L M . -3.65 -24.54 -7.26
C6' 05L M . -2.63 -23.67 -7.95
C7' 05L M . -1.28 -24.29 -7.73
SE 05L N . -13.89 -9.56 16.77
#